data_7JKM
#
_entry.id   7JKM
#
_cell.length_a   62.365
_cell.length_b   75.930
_cell.length_c   64.003
_cell.angle_alpha   90.000
_cell.angle_beta   90.814
_cell.angle_gamma   90.000
#
_symmetry.space_group_name_H-M   'P 1 21 1'
#
loop_
_entity.id
_entity.type
_entity.pdbx_description
1 polymer 'REGN1 Antibody Light Chain'
2 polymer 'REGN1 Antibody Heavy Chain'
3 polymer 'anti-Kappa VHH domain nanobody'
4 water water
#
loop_
_entity_poly.entity_id
_entity_poly.type
_entity_poly.pdbx_seq_one_letter_code
_entity_poly.pdbx_strand_id
1 'polypeptide(L)'
;DIQMTQSPILLSASVGDRVTITCRASQSIRSYLNWYQQRTNGSPRLLIYAASSLQSGVPSRFSGSGSGTDFTLTINSLQP
DDEADYYCQQTYSNPPITFGAGTRLEIKRTVAAPSVFIFPPSDEQLKSGTASVVCLLNNFYPREAKVQWKVDNALQSGNS
QESVTEQDSKDSTYSLSSTLTLSKADYEKHKVYACEVTHQGLSSPVTKSFNRGEC
;
L
2 'polypeptide(L)'
;EVHLVESGGGLVQPGRSLRLSCAASGFTFDDYTMHWVRQAPGKGLEWVSDISWNSGSIGYADSVKGRFTVSRDNAKNSLY
LQMNSLRGEDTAIYYCAKDMSGYGHYGKYGMDVWGQGTTVTVSSAATKGPSVFPLAPSSKSTSGGTAALGCLVKDYFPEP
VTVSWNSGALTSGVHTFPCVLQSSGLYSLSSVVTVPSSSLGTQTYICNVNHKPSNTKVDKKVEPA
;
H
3 'polypeptide(L)'
;EVQLQESGGGLVQPGGSLRLSCAASGRTISRYAMSWFRQAPGKEREFVATARRSGDGAFYADSVQGRFTVSRDDAKNTVY
LQMNSLKPEDTAVYYCAIDSDTFYSGSYDYWGQGTQVTVSA
;
K
#
# COMPACT_ATOMS: atom_id res chain seq x y z
N ASP A 1 -22.89 16.07 9.87
CA ASP A 1 -22.21 15.18 8.87
C ASP A 1 -22.23 13.75 9.39
N ILE A 2 -22.55 12.81 8.51
CA ILE A 2 -22.46 11.39 8.84
C ILE A 2 -21.07 10.88 8.45
N GLN A 3 -20.37 10.33 9.41
CA GLN A 3 -19.03 9.77 9.21
C GLN A 3 -19.19 8.28 8.94
N MET A 4 -18.43 7.78 7.97
CA MET A 4 -18.49 6.35 7.60
C MET A 4 -17.19 5.67 8.04
N THR A 5 -17.30 4.62 8.83
CA THR A 5 -16.14 3.89 9.36
C THR A 5 -16.07 2.54 8.66
N GLN A 6 -15.07 2.40 7.82
CA GLN A 6 -14.86 1.22 6.99
C GLN A 6 -13.69 0.41 7.52
N SER A 7 -13.86 -0.90 7.50
CA SER A 7 -12.87 -1.82 8.03
C SER A 7 -12.90 -3.08 7.17
N PRO A 8 -11.75 -3.75 7.01
CA PRO A 8 -10.36 -3.51 7.47
C PRO A 8 -9.66 -2.52 6.52
N ILE A 9 -8.45 -2.08 6.84
CA ILE A 9 -7.70 -1.22 5.94
C ILE A 9 -7.10 -2.04 4.78
N LEU A 10 -6.51 -3.20 5.14
CA LEU A 10 -5.87 -4.11 4.16
C LEU A 10 -6.43 -5.51 4.42
N LEU A 11 -7.22 -6.04 3.51
CA LEU A 11 -7.83 -7.39 3.59
C LEU A 11 -6.99 -8.30 2.70
N SER A 12 -6.32 -9.31 3.25
CA SER A 12 -5.45 -10.26 2.54
C SER A 12 -6.18 -11.61 2.48
N ALA A 13 -6.49 -12.14 1.29
CA ALA A 13 -7.25 -13.37 1.18
C ALA A 13 -6.82 -14.13 -0.08
N SER A 14 -7.25 -15.38 -0.15
CA SER A 14 -6.95 -16.25 -1.28
C SER A 14 -8.11 -16.32 -2.27
N VAL A 15 -7.77 -16.54 -3.54
CA VAL A 15 -8.78 -16.70 -4.56
C VAL A 15 -9.72 -17.84 -4.18
N GLY A 16 -11.01 -17.61 -4.36
CA GLY A 16 -12.04 -18.54 -3.94
C GLY A 16 -12.64 -18.24 -2.59
N ASP A 17 -11.91 -17.55 -1.70
CA ASP A 17 -12.42 -17.24 -0.37
C ASP A 17 -13.64 -16.32 -0.44
N ARG A 18 -14.52 -16.48 0.53
CA ARG A 18 -15.56 -15.49 0.80
C ARG A 18 -14.92 -14.39 1.64
N VAL A 19 -15.03 -13.13 1.19
CA VAL A 19 -14.52 -12.03 1.97
C VAL A 19 -15.62 -11.02 2.24
N THR A 20 -15.48 -10.27 3.34
CA THR A 20 -16.44 -9.24 3.72
C THR A 20 -15.69 -7.98 4.10
N ILE A 21 -16.25 -6.86 3.68
CA ILE A 21 -15.79 -5.52 4.04
C ILE A 21 -16.95 -4.85 4.75
N THR A 22 -16.69 -4.13 5.84
CA THR A 22 -17.77 -3.53 6.68
C THR A 22 -17.76 -2.00 6.59
N CYS A 23 -18.90 -1.36 6.77
CA CYS A 23 -19.05 0.11 6.77
CA CYS A 23 -18.98 0.05 6.73
C CYS A 23 -20.14 0.55 7.77
N ARG A 24 -19.72 1.13 8.89
CA ARG A 24 -20.64 1.57 9.96
C ARG A 24 -20.95 3.06 9.84
N ALA A 25 -22.24 3.40 9.73
CA ALA A 25 -22.60 4.84 9.71
C ALA A 25 -22.68 5.36 11.13
N SER A 26 -22.28 6.61 11.33
CA SER A 26 -22.32 7.26 12.65
C SER A 26 -23.74 7.52 13.13
N GLN A 27 -24.71 7.49 12.24
CA GLN A 27 -26.13 7.64 12.57
C GLN A 27 -26.84 7.04 11.37
N SER A 28 -28.13 6.78 11.51
CA SER A 28 -28.79 5.94 10.53
C SER A 28 -28.80 6.60 9.16
N ILE A 29 -28.51 5.81 8.14
CA ILE A 29 -28.61 6.26 6.76
C ILE A 29 -29.64 5.41 6.02
N ARG A 30 -30.50 4.69 6.71
CA ARG A 30 -31.48 3.80 6.04
C ARG A 30 -30.78 2.84 5.05
N SER A 31 -31.16 2.82 3.79
CA SER A 31 -30.56 1.89 2.80
C SER A 31 -29.81 2.68 1.74
N TYR A 32 -29.55 3.95 2.03
CA TYR A 32 -28.87 4.87 1.07
C TYR A 32 -27.36 4.73 1.20
N LEU A 33 -26.86 3.52 0.93
CA LEU A 33 -25.41 3.26 1.03
C LEU A 33 -24.91 2.68 -0.29
N ASN A 34 -23.81 3.23 -0.80
CA ASN A 34 -23.34 2.64 -2.07
C ASN A 34 -21.96 1.99 -1.88
N TRP A 35 -21.58 1.09 -2.78
CA TRP A 35 -20.23 0.50 -2.75
C TRP A 35 -19.53 0.68 -4.09
N TYR A 36 -18.26 1.11 -4.05
CA TYR A 36 -17.44 1.32 -5.25
C TYR A 36 -16.17 0.47 -5.21
N GLN A 37 -15.73 0.10 -6.41
CA GLN A 37 -14.45 -0.61 -6.60
C GLN A 37 -13.54 0.33 -7.40
N GLN A 38 -12.29 0.42 -7.00
CA GLN A 38 -11.30 1.22 -7.74
C GLN A 38 -10.02 0.40 -7.87
N ARG A 39 -9.75 -0.05 -9.09
CA ARG A 39 -8.48 -0.70 -9.40
C ARG A 39 -7.38 0.35 -9.44
N THR A 40 -6.16 -0.11 -9.21
CA THR A 40 -5.00 0.76 -9.28
C THR A 40 -5.01 1.57 -10.55
N ASN A 41 -4.95 2.90 -10.41
CA ASN A 41 -4.89 3.85 -11.52
C ASN A 41 -6.16 3.92 -12.35
N GLY A 42 -7.23 3.28 -11.91
CA GLY A 42 -8.52 3.37 -12.56
C GLY A 42 -9.48 4.33 -11.84
N SER A 43 -10.72 4.51 -12.48
CA SER A 43 -11.84 5.28 -11.95
C SER A 43 -12.69 4.41 -11.05
N PRO A 44 -13.35 5.03 -10.07
CA PRO A 44 -14.32 4.27 -9.25
C PRO A 44 -15.37 3.62 -10.15
N ARG A 45 -15.84 2.45 -9.71
CA ARG A 45 -16.87 1.72 -10.43
C ARG A 45 -17.95 1.34 -9.43
N LEU A 46 -19.20 1.70 -9.73
CA LEU A 46 -20.33 1.41 -8.86
C LEU A 46 -20.58 -0.10 -8.84
N LEU A 47 -20.65 -0.70 -7.66
CA LEU A 47 -20.97 -2.14 -7.56
C LEU A 47 -22.39 -2.34 -6.99
N ILE A 48 -22.74 -1.60 -5.95
CA ILE A 48 -23.95 -1.80 -5.16
C ILE A 48 -24.52 -0.42 -4.89
N TYR A 49 -25.82 -0.23 -5.16
CA TYR A 49 -26.55 0.93 -4.67
C TYR A 49 -27.72 0.48 -3.77
N ALA A 50 -28.22 1.43 -2.98
CA ALA A 50 -29.33 1.19 -2.08
C ALA A 50 -29.05 -0.02 -1.20
N ALA A 51 -27.80 -0.13 -0.77
CA ALA A 51 -27.32 -1.08 0.23
C ALA A 51 -27.19 -2.52 -0.29
N SER A 52 -28.10 -2.94 -1.16
CA SER A 52 -28.10 -4.31 -1.62
C SER A 52 -28.50 -4.50 -3.08
N SER A 53 -28.68 -3.45 -3.85
CA SER A 53 -29.01 -3.61 -5.26
C SER A 53 -27.73 -3.70 -6.09
N LEU A 54 -27.60 -4.80 -6.80
CA LEU A 54 -26.42 -5.09 -7.61
C LEU A 54 -26.50 -4.34 -8.93
N GLN A 55 -25.47 -3.56 -9.22
CA GLN A 55 -25.51 -2.75 -10.41
C GLN A 55 -25.37 -3.61 -11.66
N SER A 56 -26.10 -3.23 -12.70
CA SER A 56 -26.06 -4.00 -13.93
C SER A 56 -24.63 -4.08 -14.45
N GLY A 57 -24.25 -5.29 -14.91
CA GLY A 57 -22.94 -5.57 -15.41
C GLY A 57 -21.94 -6.02 -14.37
N VAL A 58 -22.31 -5.98 -13.09
CA VAL A 58 -21.34 -6.32 -12.06
C VAL A 58 -21.55 -7.80 -11.76
N PRO A 59 -20.49 -8.59 -11.63
CA PRO A 59 -20.65 -10.03 -11.38
C PRO A 59 -21.48 -10.33 -10.14
N SER A 60 -22.19 -11.46 -10.19
CA SER A 60 -23.08 -11.83 -9.10
C SER A 60 -22.34 -12.26 -7.83
N ARG A 61 -21.02 -12.45 -7.87
CA ARG A 61 -20.31 -12.78 -6.63
C ARG A 61 -20.29 -11.60 -5.65
N PHE A 62 -20.64 -10.40 -6.11
CA PHE A 62 -20.73 -9.21 -5.27
C PHE A 62 -22.12 -9.11 -4.69
N SER A 63 -22.22 -8.94 -3.36
CA SER A 63 -23.50 -8.64 -2.74
C SER A 63 -23.31 -7.66 -1.59
N GLY A 64 -24.35 -6.88 -1.33
CA GLY A 64 -24.38 -5.98 -0.21
C GLY A 64 -25.59 -6.25 0.68
N SER A 65 -25.37 -6.06 1.98
CA SER A 65 -26.44 -6.19 2.97
C SER A 65 -26.34 -5.06 4.00
N GLY A 66 -27.42 -4.90 4.75
CA GLY A 66 -27.47 -3.93 5.83
C GLY A 66 -28.48 -2.83 5.62
N SER A 67 -28.81 -2.16 6.72
CA SER A 67 -29.77 -1.07 6.76
C SER A 67 -29.42 -0.29 8.02
N GLY A 68 -29.84 0.96 8.08
CA GLY A 68 -29.52 1.77 9.25
C GLY A 68 -28.09 2.24 9.41
N THR A 69 -27.29 1.50 10.21
CA THR A 69 -25.93 1.95 10.53
C THR A 69 -24.85 0.94 10.18
N ASP A 70 -25.20 -0.32 9.93
CA ASP A 70 -24.24 -1.39 9.79
C ASP A 70 -24.44 -2.06 8.43
N PHE A 71 -23.41 -1.99 7.59
CA PHE A 71 -23.47 -2.52 6.24
C PHE A 71 -22.24 -3.37 5.93
N THR A 72 -22.42 -4.33 5.05
CA THR A 72 -21.33 -5.18 4.60
C THR A 72 -21.40 -5.38 3.08
N LEU A 73 -20.22 -5.42 2.47
CA LEU A 73 -20.01 -5.92 1.11
C LEU A 73 -19.31 -7.27 1.19
N THR A 74 -19.90 -8.26 0.52
CA THR A 74 -19.40 -9.61 0.45
C THR A 74 -19.03 -9.94 -0.98
N ILE A 75 -17.83 -10.47 -1.15
CA ILE A 75 -17.43 -11.14 -2.37
C ILE A 75 -17.45 -12.62 -2.02
N ASN A 76 -18.45 -13.36 -2.53
CA ASN A 76 -18.62 -14.71 -2.01
C ASN A 76 -17.58 -15.67 -2.58
N SER A 77 -16.84 -15.22 -3.60
CA SER A 77 -15.82 -16.03 -4.25
C SER A 77 -14.77 -15.10 -4.85
N LEU A 78 -13.73 -14.79 -4.06
CA LEU A 78 -12.74 -13.80 -4.50
C LEU A 78 -12.03 -14.24 -5.76
N GLN A 79 -11.94 -13.33 -6.73
CA GLN A 79 -11.32 -13.62 -8.02
C GLN A 79 -10.06 -12.77 -8.15
N PRO A 80 -9.14 -13.13 -9.06
CA PRO A 80 -7.92 -12.33 -9.28
C PRO A 80 -8.21 -10.87 -9.61
N ASP A 81 -9.27 -10.64 -10.39
CA ASP A 81 -9.58 -9.28 -10.83
C ASP A 81 -10.09 -8.41 -9.69
N ASP A 82 -10.42 -9.00 -8.56
CA ASP A 82 -11.03 -8.23 -7.49
C ASP A 82 -9.98 -7.52 -6.62
N GLU A 83 -8.70 -7.70 -6.94
CA GLU A 83 -7.67 -6.91 -6.24
C GLU A 83 -7.93 -5.44 -6.56
N ALA A 84 -8.17 -4.62 -5.56
CA ALA A 84 -8.62 -3.24 -5.78
C ALA A 84 -8.83 -2.59 -4.43
N ASP A 85 -9.01 -1.27 -4.44
CA ASP A 85 -9.58 -0.57 -3.30
C ASP A 85 -11.09 -0.52 -3.39
N TYR A 86 -11.74 -0.56 -2.23
CA TYR A 86 -13.19 -0.53 -2.15
C TYR A 86 -13.62 0.59 -1.21
N TYR A 87 -14.70 1.30 -1.57
CA TYR A 87 -15.20 2.40 -0.76
C TYR A 87 -16.71 2.29 -0.58
N CYS A 88 -17.19 2.51 0.65
CA CYS A 88 -18.64 2.65 0.89
C CYS A 88 -18.93 4.15 0.72
N GLN A 89 -20.19 4.53 0.61
CA GLN A 89 -20.63 5.91 0.37
C GLN A 89 -22.07 6.04 0.82
N GLN A 90 -22.35 6.96 1.75
CA GLN A 90 -23.73 7.26 2.15
C GLN A 90 -24.22 8.50 1.39
N THR A 91 -25.48 8.46 0.98
CA THR A 91 -26.10 9.61 0.31
C THR A 91 -27.36 10.10 1.04
N TYR A 92 -27.61 9.61 2.24
CA TYR A 92 -28.78 10.03 3.00
C TYR A 92 -28.66 11.48 3.48
N SER A 93 -27.50 11.83 3.99
CA SER A 93 -27.17 13.17 4.44
C SER A 93 -26.29 13.85 3.38
N ASN A 94 -26.89 14.84 2.68
CA ASN A 94 -26.25 15.59 1.60
C ASN A 94 -26.74 17.03 1.58
N PRO A 95 -25.84 18.01 1.82
CA PRO A 95 -24.37 17.90 1.90
C PRO A 95 -23.84 17.69 3.31
N PRO A 96 -22.71 16.98 3.47
CA PRO A 96 -21.95 16.33 2.38
C PRO A 96 -22.21 14.83 2.24
N ILE A 97 -22.26 14.33 0.99
CA ILE A 97 -22.05 12.92 0.73
C ILE A 97 -20.68 12.57 1.31
N THR A 98 -20.60 11.43 1.99
CA THR A 98 -19.35 11.02 2.62
C THR A 98 -19.02 9.58 2.25
N PHE A 99 -17.73 9.29 2.30
CA PHE A 99 -17.21 7.97 1.96
C PHE A 99 -16.50 7.37 3.16
N GLY A 100 -16.44 6.04 3.20
CA GLY A 100 -15.48 5.36 4.07
C GLY A 100 -14.05 5.62 3.58
N ALA A 101 -13.09 5.34 4.45
CA ALA A 101 -11.70 5.62 4.15
C ALA A 101 -11.08 4.60 3.20
N GLY A 102 -11.77 3.50 2.90
CA GLY A 102 -11.27 2.58 1.90
C GLY A 102 -10.79 1.28 2.54
N THR A 103 -10.90 0.19 1.76
CA THR A 103 -10.27 -1.09 2.04
C THR A 103 -9.47 -1.48 0.82
N ARG A 104 -8.22 -1.85 1.00
CA ARG A 104 -7.48 -2.52 -0.07
C ARG A 104 -7.63 -4.02 0.09
N LEU A 105 -8.03 -4.69 -0.98
CA LEU A 105 -8.13 -6.14 -1.01
C LEU A 105 -6.97 -6.67 -1.84
N GLU A 106 -6.17 -7.59 -1.26
CA GLU A 106 -5.05 -8.19 -1.97
C GLU A 106 -5.13 -9.71 -1.89
N ILE A 107 -4.47 -10.31 -2.87
CA ILE A 107 -4.41 -11.79 -2.91
C ILE A 107 -3.20 -12.22 -2.09
N LYS A 108 -3.46 -13.01 -1.06
CA LYS A 108 -2.41 -13.57 -0.24
C LYS A 108 -1.49 -14.54 -0.98
N ARG A 109 -0.24 -14.54 -0.56
CA ARG A 109 0.74 -15.54 -0.99
C ARG A 109 1.51 -16.01 0.24
N THR A 110 2.41 -16.95 0.03
CA THR A 110 3.26 -17.39 1.12
C THR A 110 4.26 -16.29 1.50
N VAL A 111 4.82 -16.43 2.70
CA VAL A 111 5.70 -15.44 3.26
C VAL A 111 7.05 -15.46 2.56
N ALA A 112 7.57 -14.26 2.27
CA ALA A 112 8.88 -14.13 1.67
C ALA A 112 9.58 -13.00 2.41
N ALA A 113 10.70 -13.30 3.05
CA ALA A 113 11.44 -12.29 3.77
C ALA A 113 12.13 -11.35 2.78
N PRO A 114 12.36 -10.09 3.18
CA PRO A 114 13.03 -9.15 2.27
C PRO A 114 14.51 -9.48 2.13
N SER A 115 15.04 -9.30 0.92
CA SER A 115 16.49 -9.16 0.74
C SER A 115 16.83 -7.69 0.92
N VAL A 116 17.86 -7.40 1.71
CA VAL A 116 18.19 -6.03 2.11
C VAL A 116 19.53 -5.63 1.47
N PHE A 117 19.59 -4.36 1.06
CA PHE A 117 20.76 -3.78 0.43
C PHE A 117 20.88 -2.35 0.90
N ILE A 118 22.11 -1.87 1.16
CA ILE A 118 22.32 -0.51 1.63
C ILE A 118 23.23 0.17 0.60
N PHE A 119 22.97 1.44 0.31
CA PHE A 119 23.76 2.14 -0.70
C PHE A 119 24.24 3.47 -0.13
N PRO A 120 25.53 3.76 -0.23
CA PRO A 120 26.03 5.00 0.32
C PRO A 120 25.72 6.14 -0.62
N PRO A 121 25.78 7.39 -0.15
CA PRO A 121 25.72 8.52 -1.08
C PRO A 121 26.90 8.51 -2.03
N SER A 122 26.68 9.03 -3.24
CA SER A 122 27.73 9.15 -4.24
C SER A 122 28.57 10.40 -3.97
N ASP A 123 29.84 10.33 -4.35
CA ASP A 123 30.73 11.49 -4.25
C ASP A 123 30.14 12.69 -4.95
N GLU A 124 29.48 12.46 -6.03
CA GLU A 124 28.86 13.52 -6.86
C GLU A 124 27.80 14.25 -6.05
N GLN A 125 26.97 13.47 -5.30
CA GLN A 125 25.94 14.12 -4.54
C GLN A 125 26.53 14.96 -3.41
N LEU A 126 27.56 14.43 -2.75
CA LEU A 126 28.15 15.06 -1.59
C LEU A 126 28.81 16.38 -1.99
N LYS A 127 29.45 16.44 -3.15
CA LYS A 127 30.05 17.70 -3.63
C LYS A 127 29.01 18.81 -3.50
N SER A 128 27.69 18.47 -3.52
CA SER A 128 26.68 19.48 -3.60
C SER A 128 25.89 19.81 -2.32
N GLY A 129 26.24 19.27 -1.17
CA GLY A 129 25.62 19.75 0.06
C GLY A 129 24.72 18.76 0.78
N THR A 130 24.35 17.65 0.14
CA THR A 130 23.36 16.75 0.76
C THR A 130 23.80 15.32 0.54
N ALA A 131 23.42 14.45 1.48
CA ALA A 131 23.82 13.06 1.42
C ALA A 131 22.54 12.22 1.57
N SER A 132 22.29 11.34 0.63
CA SER A 132 21.10 10.49 0.66
C SER A 132 21.62 9.07 0.82
N VAL A 133 21.14 8.33 1.82
CA VAL A 133 21.66 7.01 2.10
C VAL A 133 20.42 6.14 1.88
N VAL A 134 20.52 5.09 1.07
CA VAL A 134 19.33 4.34 0.65
C VAL A 134 19.40 2.90 1.13
N CYS A 135 18.29 2.41 1.68
CA CYS A 135 18.17 1.02 2.07
C CYS A 135 17.00 0.43 1.27
N LEU A 136 17.25 -0.68 0.62
CA LEU A 136 16.31 -1.38 -0.24
C LEU A 136 15.90 -2.67 0.43
N LEU A 137 14.59 -2.88 0.56
CA LEU A 137 14.00 -4.15 1.00
C LEU A 137 13.29 -4.74 -0.21
N ASN A 138 13.78 -5.86 -0.71
CA ASN A 138 13.34 -6.33 -2.02
C ASN A 138 12.53 -7.62 -1.92
N ASN A 139 11.38 -7.62 -2.59
CA ASN A 139 10.61 -8.83 -2.97
C ASN A 139 10.17 -9.61 -1.73
N PHE A 140 9.33 -8.97 -0.89
CA PHE A 140 8.89 -9.55 0.39
C PHE A 140 7.36 -9.56 0.48
N TYR A 141 6.84 -10.37 1.39
CA TYR A 141 5.41 -10.52 1.55
C TYR A 141 5.25 -11.17 2.92
N PRO A 142 4.38 -10.71 3.80
CA PRO A 142 3.43 -9.60 3.62
C PRO A 142 4.06 -8.21 3.66
N ARG A 143 3.22 -7.18 3.54
CA ARG A 143 3.69 -5.81 3.31
C ARG A 143 4.38 -5.17 4.52
N GLU A 144 4.05 -5.60 5.73
CA GLU A 144 4.50 -4.88 6.90
C GLU A 144 5.99 -5.15 7.15
N ALA A 145 6.72 -4.08 7.40
CA ALA A 145 8.15 -4.17 7.65
C ALA A 145 8.55 -2.91 8.39
N LYS A 146 9.67 -3.01 9.12
CA LYS A 146 10.22 -1.84 9.86
C LYS A 146 11.69 -1.66 9.51
N VAL A 147 12.08 -0.41 9.19
CA VAL A 147 13.44 -0.05 8.89
C VAL A 147 13.90 0.88 9.99
N GLN A 148 15.07 0.61 10.55
CA GLN A 148 15.67 1.52 11.52
C GLN A 148 17.07 1.89 11.09
N TRP A 149 17.35 3.17 11.05
CA TRP A 149 18.67 3.65 10.70
C TRP A 149 19.50 3.86 11.95
N LYS A 150 20.76 3.47 11.92
CA LYS A 150 21.70 3.75 12.97
C LYS A 150 22.96 4.37 12.36
N VAL A 151 23.43 5.43 12.99
CA VAL A 151 24.62 6.15 12.53
C VAL A 151 25.62 6.13 13.69
N ASP A 152 26.76 5.45 13.48
CA ASP A 152 27.73 5.23 14.54
C ASP A 152 27.01 4.73 15.78
N ASN A 153 26.05 3.83 15.55
CA ASN A 153 25.28 3.10 16.56
C ASN A 153 24.24 3.94 17.27
N ALA A 154 23.95 5.11 16.78
CA ALA A 154 22.89 5.94 17.34
C ALA A 154 21.65 5.85 16.47
N LEU A 155 20.53 5.53 17.08
CA LEU A 155 19.31 5.35 16.31
C LEU A 155 18.81 6.71 15.83
N GLN A 156 18.45 6.75 14.56
CA GLN A 156 17.97 7.95 13.91
C GLN A 156 16.46 8.06 13.99
N SER A 157 15.98 9.29 14.01
CA SER A 157 14.55 9.55 14.00
CA SER A 157 14.54 9.55 13.99
C SER A 157 14.26 10.82 13.21
N GLY A 158 13.21 10.77 12.38
CA GLY A 158 12.69 11.96 11.73
C GLY A 158 13.39 12.40 10.46
N ASN A 159 14.43 11.68 10.02
CA ASN A 159 15.22 12.12 8.88
C ASN A 159 15.19 11.06 7.77
N SER A 160 14.11 10.28 7.78
CA SER A 160 13.95 9.20 6.78
C SER A 160 12.57 9.20 6.12
N GLN A 161 12.50 8.76 4.86
CA GLN A 161 11.19 8.64 4.17
C GLN A 161 11.14 7.29 3.46
N GLU A 162 9.97 6.68 3.44
CA GLU A 162 9.82 5.37 2.80
C GLU A 162 8.89 5.46 1.61
N SER A 163 9.10 4.59 0.65
CA SER A 163 8.25 4.46 -0.55
C SER A 163 8.11 2.94 -0.78
N VAL A 164 6.91 2.48 -1.14
CA VAL A 164 6.65 1.03 -1.31
C VAL A 164 6.04 0.83 -2.71
N THR A 165 6.48 -0.23 -3.39
CA THR A 165 5.93 -0.53 -4.73
C THR A 165 4.52 -1.11 -4.59
N GLU A 166 3.79 -1.12 -5.70
CA GLU A 166 2.47 -1.78 -5.69
C GLU A 166 2.78 -3.29 -5.75
N GLN A 167 1.94 -4.13 -5.16
CA GLN A 167 2.14 -5.58 -5.20
C GLN A 167 2.46 -6.07 -6.61
N ASP A 168 3.53 -6.83 -6.73
CA ASP A 168 4.01 -7.25 -8.04
C ASP A 168 3.00 -8.15 -8.69
N SER A 169 2.69 -7.88 -9.96
CA SER A 169 1.65 -8.66 -10.63
C SER A 169 2.10 -10.08 -10.95
N LYS A 170 3.35 -10.36 -11.10
CA LYS A 170 3.87 -11.70 -11.43
C LYS A 170 4.08 -12.51 -10.16
N ASP A 171 4.79 -11.91 -9.13
CA ASP A 171 5.08 -12.73 -7.95
C ASP A 171 4.40 -12.28 -6.65
N SER A 172 3.53 -11.27 -6.69
CA SER A 172 2.74 -10.81 -5.55
C SER A 172 3.57 -10.25 -4.38
N THR A 173 4.81 -9.81 -4.61
CA THR A 173 5.61 -9.27 -3.51
C THR A 173 5.62 -7.74 -3.52
N TYR A 174 6.15 -7.18 -2.44
CA TYR A 174 6.39 -5.74 -2.32
C TYR A 174 7.88 -5.50 -2.34
N SER A 175 8.28 -4.29 -2.75
CA SER A 175 9.61 -3.80 -2.41
C SER A 175 9.43 -2.41 -1.78
N LEU A 176 10.43 -2.07 -0.97
CA LEU A 176 10.39 -0.82 -0.19
C LEU A 176 11.76 -0.14 -0.20
N SER A 177 11.76 1.18 -0.29
CA SER A 177 12.98 1.99 -0.20
C SER A 177 12.87 2.86 1.04
N SER A 178 13.90 2.96 1.85
CA SER A 178 14.01 3.91 2.93
C SER A 178 15.22 4.77 2.62
N THR A 179 15.01 6.08 2.54
CA THR A 179 16.06 7.03 2.23
C THR A 179 16.30 7.89 3.48
N LEU A 180 17.55 7.89 3.95
CA LEU A 180 17.99 8.72 5.06
C LEU A 180 18.66 9.94 4.44
N THR A 181 18.17 11.13 4.78
CA THR A 181 18.69 12.37 4.25
C THR A 181 19.40 13.17 5.34
N LEU A 182 20.67 13.49 5.09
CA LEU A 182 21.49 14.25 6.02
C LEU A 182 22.14 15.38 5.25
N SER A 183 22.55 16.43 5.95
CA SER A 183 23.44 17.39 5.32
C SER A 183 24.78 16.72 5.06
N LYS A 184 25.50 17.18 4.02
CA LYS A 184 26.84 16.65 3.80
C LYS A 184 27.70 16.78 5.07
N ALA A 185 27.61 17.93 5.75
CA ALA A 185 28.38 18.15 6.96
C ALA A 185 28.12 17.06 8.01
N ASP A 186 26.82 16.77 8.24
CA ASP A 186 26.47 15.74 9.23
C ASP A 186 26.94 14.36 8.78
N TYR A 187 26.73 14.03 7.49
CA TYR A 187 27.18 12.75 6.98
C TYR A 187 28.68 12.53 7.24
N GLU A 188 29.50 13.57 7.01
CA GLU A 188 30.95 13.41 7.09
C GLU A 188 31.45 13.38 8.52
N LYS A 189 30.56 13.53 9.50
CA LYS A 189 30.92 13.43 10.92
C LYS A 189 30.98 12.00 11.42
N HIS A 190 30.57 11.03 10.61
CA HIS A 190 30.34 9.69 11.11
C HIS A 190 30.94 8.65 10.21
N LYS A 191 31.16 7.47 10.77
CA LYS A 191 31.81 6.39 10.07
C LYS A 191 30.83 5.30 9.63
N VAL A 192 30.01 4.77 10.54
CA VAL A 192 29.24 3.57 10.23
C VAL A 192 27.77 3.94 10.02
N TYR A 193 27.22 3.48 8.87
CA TYR A 193 25.84 3.71 8.46
C TYR A 193 25.18 2.34 8.35
N ALA A 194 24.11 2.12 9.15
CA ALA A 194 23.46 0.82 9.16
C ALA A 194 21.96 0.96 8.99
N CYS A 195 21.38 0.01 8.22
CA CYS A 195 19.94 -0.10 7.96
C CYS A 195 19.55 -1.43 8.62
N GLU A 196 18.65 -1.42 9.60
CA GLU A 196 18.23 -2.63 10.34
C GLU A 196 16.76 -2.93 10.00
N VAL A 197 16.48 -4.18 9.59
CA VAL A 197 15.21 -4.51 8.96
C VAL A 197 14.57 -5.65 9.75
N THR A 198 13.27 -5.46 10.04
CA THR A 198 12.45 -6.51 10.67
C THR A 198 11.26 -6.81 9.75
N HIS A 199 10.83 -8.05 9.67
CA HIS A 199 9.71 -8.56 8.91
C HIS A 199 9.29 -9.85 9.62
N GLN A 200 8.01 -10.19 9.55
CA GLN A 200 7.55 -11.39 10.26
C GLN A 200 8.18 -12.66 9.72
N GLY A 201 8.69 -12.66 8.48
CA GLY A 201 9.43 -13.77 7.97
C GLY A 201 10.87 -13.88 8.41
N LEU A 202 11.38 -12.92 9.16
CA LEU A 202 12.76 -12.92 9.65
C LEU A 202 12.80 -13.27 11.12
N SER A 203 13.61 -14.29 11.46
CA SER A 203 13.71 -14.65 12.88
C SER A 203 14.55 -13.67 13.68
N SER A 204 15.53 -13.01 13.06
CA SER A 204 16.30 -11.95 13.71
C SER A 204 16.32 -10.76 12.75
N PRO A 205 16.35 -9.53 13.25
CA PRO A 205 16.49 -8.38 12.33
C PRO A 205 17.74 -8.56 11.49
N VAL A 206 17.70 -8.02 10.26
CA VAL A 206 18.76 -8.12 9.29
C VAL A 206 19.38 -6.75 9.21
N THR A 207 20.71 -6.67 9.41
CA THR A 207 21.43 -5.39 9.38
C THR A 207 22.39 -5.35 8.20
N LYS A 208 22.28 -4.32 7.35
CA LYS A 208 23.29 -4.06 6.33
C LYS A 208 23.96 -2.74 6.66
N SER A 209 25.29 -2.70 6.56
CA SER A 209 26.01 -1.49 6.93
C SER A 209 27.17 -1.25 5.96
N PHE A 210 27.65 0.00 5.94
CA PHE A 210 28.89 0.34 5.23
C PHE A 210 29.66 1.29 6.15
N ASN A 211 30.96 1.42 5.88
CA ASN A 211 31.82 2.39 6.53
C ASN A 211 32.12 3.53 5.56
N ARG A 212 31.86 4.77 5.98
CA ARG A 212 31.93 5.88 5.03
C ARG A 212 33.31 5.90 4.42
N GLY A 213 33.41 6.11 3.09
CA GLY A 213 34.69 6.28 2.37
C GLY A 213 35.41 4.99 2.07
N GLU A 214 34.86 3.83 2.45
CA GLU A 214 35.52 2.51 2.30
C GLU A 214 34.69 1.62 1.38
N GLU B 1 -21.72 4.79 -26.17
CA GLU B 1 -21.79 4.30 -24.76
C GLU B 1 -21.88 5.55 -23.87
N VAL B 2 -22.28 5.39 -22.60
CA VAL B 2 -22.21 6.50 -21.66
C VAL B 2 -20.76 6.95 -21.49
N HIS B 3 -20.54 8.26 -21.44
CA HIS B 3 -19.16 8.73 -21.33
C HIS B 3 -19.08 10.07 -20.64
N LEU B 4 -18.04 10.22 -19.81
CA LEU B 4 -17.66 11.53 -19.28
C LEU B 4 -16.17 11.77 -19.42
N VAL B 5 -15.76 13.00 -19.73
CA VAL B 5 -14.34 13.32 -19.78
C VAL B 5 -14.07 14.68 -19.15
N GLU B 6 -13.22 14.66 -18.12
CA GLU B 6 -12.77 15.86 -17.44
C GLU B 6 -11.63 16.50 -18.20
N SER B 7 -11.53 17.82 -18.10
CA SER B 7 -10.45 18.60 -18.73
C SER B 7 -10.19 19.80 -17.83
N GLY B 8 -9.08 20.51 -18.03
CA GLY B 8 -8.79 21.75 -17.29
C GLY B 8 -7.82 21.58 -16.13
N GLY B 9 -7.40 20.36 -15.77
CA GLY B 9 -6.41 20.19 -14.70
C GLY B 9 -5.04 20.70 -15.13
N GLY B 10 -4.13 20.96 -14.19
CA GLY B 10 -2.76 21.41 -14.53
C GLY B 10 -2.05 21.90 -13.29
N LEU B 11 -0.89 22.50 -13.44
CA LEU B 11 -0.20 23.08 -12.27
C LEU B 11 -0.80 24.45 -11.95
N VAL B 12 -0.97 24.75 -10.68
CA VAL B 12 -1.51 26.07 -10.27
C VAL B 12 -0.79 26.55 -9.00
N GLN B 13 -0.41 27.83 -8.93
CA GLN B 13 0.23 28.36 -7.72
C GLN B 13 -0.83 28.47 -6.64
N PRO B 14 -0.49 28.33 -5.35
CA PRO B 14 -1.49 28.58 -4.31
C PRO B 14 -2.09 29.97 -4.44
N GLY B 15 -3.37 30.07 -4.11
CA GLY B 15 -4.07 31.37 -4.15
C GLY B 15 -4.69 31.68 -5.49
N ARG B 16 -4.28 30.94 -6.52
CA ARG B 16 -4.75 31.24 -7.89
C ARG B 16 -5.99 30.42 -8.25
N SER B 17 -6.43 30.52 -9.50
CA SER B 17 -7.70 29.89 -9.85
C SER B 17 -7.54 28.90 -10.97
N LEU B 18 -8.49 27.99 -11.05
CA LEU B 18 -8.56 27.07 -12.22
C LEU B 18 -10.00 26.62 -12.50
N ARG B 19 -10.36 26.45 -13.77
CA ARG B 19 -11.71 26.03 -14.17
C ARG B 19 -11.66 24.63 -14.78
N LEU B 20 -12.40 23.71 -14.16
CA LEU B 20 -12.50 22.36 -14.72
C LEU B 20 -13.78 22.19 -15.53
N SER B 21 -13.72 21.39 -16.56
CA SER B 21 -14.89 21.03 -17.36
C SER B 21 -15.07 19.51 -17.39
N CYS B 22 -16.31 19.10 -17.61
CA CYS B 22 -16.67 17.69 -17.74
C CYS B 22 -17.66 17.61 -18.90
N ALA B 23 -17.27 16.89 -19.95
CA ALA B 23 -18.06 16.72 -21.17
C ALA B 23 -18.74 15.37 -21.15
N ALA B 24 -20.05 15.36 -21.37
CA ALA B 24 -20.86 14.17 -21.27
C ALA B 24 -21.42 13.77 -22.63
N SER B 25 -21.56 12.48 -22.82
CA SER B 25 -22.10 11.96 -24.06
C SER B 25 -22.67 10.57 -23.77
N GLY B 26 -23.58 10.14 -24.63
CA GLY B 26 -24.11 8.80 -24.55
C GLY B 26 -25.29 8.62 -23.62
N PHE B 27 -25.79 9.70 -23.03
CA PHE B 27 -26.96 9.65 -22.16
C PHE B 27 -27.54 11.06 -22.17
N THR B 28 -28.76 11.20 -21.66
CA THR B 28 -29.41 12.51 -21.68
C THR B 28 -28.89 13.33 -20.49
N PHE B 29 -27.81 14.07 -20.71
CA PHE B 29 -27.17 14.82 -19.63
C PHE B 29 -28.15 15.73 -18.91
N ASP B 30 -29.09 16.32 -19.64
CA ASP B 30 -30.04 17.32 -19.07
C ASP B 30 -30.91 16.74 -17.97
N ASP B 31 -31.04 15.43 -17.91
CA ASP B 31 -31.97 14.84 -16.96
C ASP B 31 -31.32 14.45 -15.63
N TYR B 32 -30.01 14.59 -15.44
CA TYR B 32 -29.37 13.93 -14.30
C TYR B 32 -28.64 14.88 -13.37
N THR B 33 -28.65 14.54 -12.10
CA THR B 33 -27.74 15.16 -11.15
C THR B 33 -26.32 14.78 -11.49
N MET B 34 -25.40 15.74 -11.34
CA MET B 34 -23.98 15.52 -11.58
C MET B 34 -23.16 15.87 -10.35
N HIS B 35 -22.01 15.21 -10.28
CA HIS B 35 -21.14 15.41 -9.11
C HIS B 35 -19.67 15.58 -9.43
N TRP B 36 -18.98 16.28 -8.53
CA TRP B 36 -17.52 16.34 -8.49
C TRP B 36 -17.02 15.63 -7.24
N VAL B 37 -16.06 14.73 -7.43
CA VAL B 37 -15.39 13.94 -6.41
C VAL B 37 -13.88 14.01 -6.69
N ARG B 38 -13.06 14.06 -5.65
CA ARG B 38 -11.63 14.18 -5.81
C ARG B 38 -10.89 13.16 -4.95
N GLN B 39 -9.64 12.93 -5.33
CA GLN B 39 -8.80 11.93 -4.63
C GLN B 39 -7.38 12.46 -4.55
N ALA B 40 -7.01 12.82 -3.32
CA ALA B 40 -5.65 13.32 -3.07
C ALA B 40 -4.63 12.19 -3.30
N PRO B 41 -3.36 12.47 -3.69
CA PRO B 41 -2.36 11.41 -3.89
C PRO B 41 -2.33 10.42 -2.73
N GLY B 42 -2.58 9.15 -3.06
CA GLY B 42 -2.56 8.07 -2.11
C GLY B 42 -3.71 8.04 -1.12
N LYS B 43 -4.71 8.90 -1.25
CA LYS B 43 -5.78 8.98 -0.28
C LYS B 43 -7.08 8.45 -0.88
N GLY B 44 -8.15 8.51 -0.08
CA GLY B 44 -9.44 8.03 -0.50
C GLY B 44 -10.21 9.05 -1.33
N LEU B 45 -11.40 8.62 -1.75
CA LEU B 45 -12.34 9.50 -2.42
C LEU B 45 -12.96 10.53 -1.47
N GLU B 46 -13.13 11.75 -1.97
CA GLU B 46 -13.75 12.84 -1.21
C GLU B 46 -14.77 13.56 -2.09
N TRP B 47 -16.04 13.59 -1.67
CA TRP B 47 -17.06 14.34 -2.41
C TRP B 47 -16.85 15.85 -2.33
N VAL B 48 -17.01 16.52 -3.47
CA VAL B 48 -16.75 17.95 -3.59
C VAL B 48 -18.02 18.78 -3.73
N SER B 49 -18.92 18.38 -4.64
CA SER B 49 -20.03 19.23 -5.05
C SER B 49 -21.01 18.45 -5.89
N ASP B 50 -22.26 18.92 -5.90
CA ASP B 50 -23.32 18.35 -6.77
C ASP B 50 -24.21 19.46 -7.34
N ILE B 51 -24.95 19.15 -8.39
CA ILE B 51 -25.79 20.10 -9.08
C ILE B 51 -26.90 19.33 -9.77
N SER B 52 -28.16 19.69 -9.47
CA SER B 52 -29.32 19.02 -10.03
C SER B 52 -29.48 19.38 -11.51
N TRP B 53 -30.36 18.63 -12.17
CA TRP B 53 -30.58 18.76 -13.65
C TRP B 53 -30.83 20.20 -14.09
N ASN B 54 -31.65 20.92 -13.35
CA ASN B 54 -31.99 22.28 -13.72
C ASN B 54 -31.24 23.32 -12.89
N SER B 55 -30.18 22.91 -12.18
CA SER B 55 -29.30 23.79 -11.38
C SER B 55 -29.99 24.42 -10.17
N GLY B 56 -31.19 23.95 -9.82
CA GLY B 56 -31.93 24.44 -8.66
C GLY B 56 -31.41 23.95 -7.32
N SER B 57 -30.71 22.81 -7.30
CA SER B 57 -30.08 22.30 -6.07
C SER B 57 -28.59 22.17 -6.28
N ILE B 58 -27.81 22.83 -5.39
CA ILE B 58 -26.36 22.79 -5.41
C ILE B 58 -25.84 22.58 -3.99
N GLY B 59 -24.87 21.68 -3.85
CA GLY B 59 -24.26 21.38 -2.57
C GLY B 59 -22.75 21.43 -2.70
N TYR B 60 -22.09 21.69 -1.58
CA TYR B 60 -20.64 21.81 -1.54
C TYR B 60 -20.10 21.18 -0.27
N ALA B 61 -18.94 20.54 -0.36
CA ALA B 61 -18.23 20.10 0.83
C ALA B 61 -17.77 21.31 1.64
N ASP B 62 -17.71 21.18 2.98
CA ASP B 62 -17.36 22.38 3.73
C ASP B 62 -15.99 22.91 3.36
N SER B 63 -15.04 22.00 3.05
CA SER B 63 -13.67 22.42 2.75
C SER B 63 -13.53 23.29 1.51
N VAL B 64 -14.53 23.37 0.64
CA VAL B 64 -14.44 24.16 -0.58
C VAL B 64 -15.50 25.25 -0.65
N LYS B 65 -16.42 25.28 0.30
CA LYS B 65 -17.54 26.22 0.23
C LYS B 65 -17.03 27.65 0.31
N GLY B 66 -17.53 28.50 -0.59
CA GLY B 66 -17.02 29.87 -0.74
C GLY B 66 -15.79 30.01 -1.63
N ARG B 67 -15.15 28.90 -2.02
CA ARG B 67 -14.03 28.98 -2.97
C ARG B 67 -14.35 28.37 -4.31
N PHE B 68 -15.18 27.33 -4.33
CA PHE B 68 -15.50 26.61 -5.54
C PHE B 68 -16.94 26.93 -5.92
N THR B 69 -17.21 26.95 -7.22
CA THR B 69 -18.56 27.16 -7.73
C THR B 69 -18.84 26.15 -8.84
N VAL B 70 -19.86 25.33 -8.65
CA VAL B 70 -20.29 24.36 -9.66
C VAL B 70 -21.36 24.98 -10.54
N SER B 71 -21.39 24.55 -11.80
CA SER B 71 -22.39 25.05 -12.73
C SER B 71 -22.49 24.03 -13.86
N ARG B 72 -23.50 24.19 -14.69
CA ARG B 72 -23.63 23.31 -15.83
C ARG B 72 -24.31 24.07 -16.96
N ASP B 73 -24.06 23.59 -18.18
CA ASP B 73 -24.67 24.11 -19.41
C ASP B 73 -25.24 22.90 -20.13
N ASN B 74 -26.54 22.66 -19.93
CA ASN B 74 -27.16 21.48 -20.51
C ASN B 74 -27.15 21.53 -22.04
N ALA B 75 -27.17 22.72 -22.64
CA ALA B 75 -27.14 22.79 -24.10
C ALA B 75 -25.82 22.24 -24.65
N LYS B 76 -24.72 22.42 -23.92
CA LYS B 76 -23.40 21.97 -24.29
C LYS B 76 -23.02 20.65 -23.60
N ASN B 77 -23.97 19.99 -22.95
CA ASN B 77 -23.72 18.78 -22.18
C ASN B 77 -22.46 18.79 -21.34
N SER B 78 -22.25 19.87 -20.61
CA SER B 78 -21.02 20.11 -19.87
C SER B 78 -21.28 20.51 -18.43
N LEU B 79 -20.43 20.00 -17.55
CA LEU B 79 -20.42 20.33 -16.14
C LEU B 79 -19.12 21.08 -15.86
N TYR B 80 -19.19 22.03 -14.92
CA TYR B 80 -18.05 22.88 -14.65
C TYR B 80 -17.80 22.99 -13.16
N LEU B 81 -16.55 23.29 -12.82
CA LEU B 81 -16.14 23.59 -11.45
C LEU B 81 -15.11 24.72 -11.54
N GLN B 82 -15.50 25.90 -11.02
CA GLN B 82 -14.60 27.05 -10.89
C GLN B 82 -13.99 26.97 -9.51
N MET B 83 -12.67 26.82 -9.50
CA MET B 83 -11.93 26.68 -8.23
C MET B 83 -11.09 27.93 -8.02
N ASN B 84 -11.36 28.65 -6.94
CA ASN B 84 -10.62 29.85 -6.62
C ASN B 84 -9.86 29.62 -5.33
N SER B 85 -8.91 30.52 -5.04
CA SER B 85 -8.15 30.49 -3.76
C SER B 85 -7.62 29.07 -3.52
N LEU B 86 -7.05 28.44 -4.54
CA LEU B 86 -6.57 27.05 -4.42
C LEU B 86 -5.50 26.88 -3.33
N ARG B 87 -5.56 25.80 -2.60
CA ARG B 87 -4.56 25.51 -1.56
C ARG B 87 -3.90 24.19 -1.91
N GLY B 88 -2.80 23.91 -1.22
CA GLY B 88 -2.00 22.70 -1.51
C GLY B 88 -2.81 21.45 -1.23
N GLU B 89 -3.75 21.52 -0.31
CA GLU B 89 -4.64 20.39 -0.03
C GLU B 89 -5.78 20.25 -1.03
N ASP B 90 -5.90 21.12 -2.01
CA ASP B 90 -6.76 20.86 -3.14
C ASP B 90 -6.04 20.04 -4.21
N THR B 91 -4.76 19.73 -4.00
CA THR B 91 -4.04 18.84 -4.95
C THR B 91 -4.75 17.49 -4.98
N ALA B 92 -5.14 17.04 -6.17
CA ALA B 92 -5.90 15.77 -6.27
C ALA B 92 -6.28 15.48 -7.71
N ILE B 93 -6.73 14.26 -7.93
CA ILE B 93 -7.36 13.96 -9.23
C ILE B 93 -8.85 14.29 -9.03
N TYR B 94 -9.40 15.07 -9.93
CA TYR B 94 -10.80 15.49 -9.91
C TYR B 94 -11.59 14.66 -10.92
N TYR B 95 -12.65 13.99 -10.42
CA TYR B 95 -13.56 13.20 -11.24
C TYR B 95 -14.95 13.85 -11.28
N CYS B 96 -15.55 13.82 -12.46
CA CYS B 96 -16.97 14.08 -12.57
CA CYS B 96 -16.96 14.08 -12.66
C CYS B 96 -17.72 12.76 -12.64
N ALA B 97 -18.90 12.74 -12.02
CA ALA B 97 -19.67 11.52 -11.94
C ALA B 97 -21.14 11.82 -12.14
N LYS B 98 -21.79 10.93 -12.89
CA LYS B 98 -23.22 10.95 -13.15
C LYS B 98 -23.97 10.26 -12.01
N ASP B 99 -25.03 10.89 -11.53
CA ASP B 99 -25.95 10.25 -10.60
C ASP B 99 -26.93 9.37 -11.37
N MET B 100 -27.36 8.29 -10.72
CA MET B 100 -28.48 7.54 -11.26
C MET B 100 -29.79 8.30 -11.20
N SER B 101 -29.86 9.35 -10.41
CA SER B 101 -31.13 10.04 -10.23
C SER B 101 -31.10 11.40 -10.90
N GLY B 102 -32.31 11.85 -11.12
CA GLY B 102 -32.55 13.16 -11.73
C GLY B 102 -34.03 13.32 -12.08
N TYR B 103 -34.26 14.11 -13.10
CA TYR B 103 -35.59 14.39 -13.62
C TYR B 103 -36.23 13.14 -14.18
N GLY B 104 -37.29 12.68 -13.53
CA GLY B 104 -37.96 11.46 -13.93
C GLY B 104 -37.25 10.19 -13.53
N HIS B 105 -36.24 10.27 -12.66
CA HIS B 105 -35.39 9.12 -12.32
C HIS B 105 -35.24 9.14 -10.81
N TYR B 106 -36.08 8.37 -10.10
CA TYR B 106 -36.18 8.47 -8.66
C TYR B 106 -35.89 7.10 -8.06
N GLY B 107 -35.30 7.11 -6.87
CA GLY B 107 -35.22 5.90 -6.06
C GLY B 107 -33.89 5.19 -6.09
N LYS B 108 -32.98 5.57 -6.99
CA LYS B 108 -31.65 4.97 -7.07
C LYS B 108 -30.64 6.11 -7.06
N TYR B 109 -29.63 6.03 -6.17
CA TYR B 109 -28.75 7.18 -5.94
C TYR B 109 -27.28 6.79 -5.92
N GLY B 110 -26.91 5.73 -6.62
CA GLY B 110 -25.52 5.51 -6.95
C GLY B 110 -25.02 6.46 -8.02
N MET B 111 -23.67 6.58 -8.08
CA MET B 111 -22.95 7.34 -9.09
C MET B 111 -22.49 6.32 -10.14
N ASP B 112 -23.26 6.20 -11.24
CA ASP B 112 -23.07 5.04 -12.11
C ASP B 112 -22.04 5.25 -13.21
N VAL B 113 -21.69 6.49 -13.55
CA VAL B 113 -20.70 6.74 -14.59
C VAL B 113 -19.69 7.74 -14.06
N TRP B 114 -18.40 7.47 -14.32
CA TRP B 114 -17.28 8.28 -13.82
C TRP B 114 -16.39 8.59 -15.00
N GLY B 115 -15.83 9.80 -15.04
CA GLY B 115 -14.72 10.07 -15.96
C GLY B 115 -13.41 9.41 -15.55
N GLN B 116 -12.37 9.58 -16.38
CA GLN B 116 -10.99 9.08 -16.11
C GLN B 116 -10.32 9.99 -15.08
N GLY B 117 -10.79 11.23 -14.94
CA GLY B 117 -10.24 12.20 -14.01
C GLY B 117 -9.29 13.17 -14.67
N THR B 118 -9.11 14.32 -14.02
CA THR B 118 -8.13 15.32 -14.44
C THR B 118 -7.31 15.75 -13.22
N THR B 119 -5.99 15.83 -13.40
CA THR B 119 -5.07 16.02 -12.28
C THR B 119 -4.81 17.50 -12.05
N VAL B 120 -5.00 17.93 -10.79
CA VAL B 120 -4.74 19.30 -10.34
C VAL B 120 -3.63 19.26 -9.31
N THR B 121 -2.60 20.10 -9.51
CA THR B 121 -1.45 20.14 -8.63
C THR B 121 -1.23 21.59 -8.21
N VAL B 122 -1.35 21.84 -6.93
CA VAL B 122 -1.22 23.20 -6.38
C VAL B 122 0.15 23.27 -5.72
N SER B 123 1.01 24.12 -6.26
CA SER B 123 2.39 24.16 -5.80
C SER B 123 3.04 25.46 -6.20
N SER B 124 3.97 25.89 -5.35
CA SER B 124 4.84 27.02 -5.62
C SER B 124 6.07 26.63 -6.44
N ALA B 125 6.42 25.36 -6.47
CA ALA B 125 7.65 24.91 -7.11
C ALA B 125 7.73 25.34 -8.58
N ALA B 126 8.96 25.59 -9.04
CA ALA B 126 9.30 25.84 -10.44
C ALA B 126 9.68 24.52 -11.15
N THR B 127 9.56 24.50 -12.45
CA THR B 127 9.92 23.32 -13.25
C THR B 127 11.42 23.12 -13.23
N LYS B 128 11.83 21.89 -12.92
CA LYS B 128 13.23 21.51 -12.73
C LYS B 128 13.41 20.02 -12.97
N GLY B 129 14.46 19.66 -13.72
CA GLY B 129 14.86 18.29 -13.94
C GLY B 129 15.57 17.74 -12.71
N PRO B 130 15.53 16.41 -12.59
CA PRO B 130 16.22 15.73 -11.49
C PRO B 130 17.74 15.76 -11.60
N SER B 131 18.39 15.71 -10.43
CA SER B 131 19.77 15.25 -10.37
C SER B 131 19.73 13.73 -10.28
N VAL B 132 20.71 13.05 -10.88
CA VAL B 132 20.73 11.58 -10.96
C VAL B 132 22.03 11.10 -10.35
N PHE B 133 21.90 10.22 -9.37
CA PHE B 133 23.04 9.73 -8.64
C PHE B 133 23.08 8.21 -8.66
N PRO B 134 24.30 7.63 -8.74
CA PRO B 134 24.42 6.21 -8.73
C PRO B 134 24.18 5.59 -7.35
N LEU B 135 23.47 4.46 -7.30
CA LEU B 135 23.28 3.64 -6.08
C LEU B 135 24.19 2.43 -6.35
N ALA B 136 25.46 2.53 -5.97
CA ALA B 136 26.49 1.54 -6.37
C ALA B 136 26.42 0.24 -5.59
N PRO B 137 26.68 -0.92 -6.24
CA PRO B 137 26.62 -2.23 -5.61
C PRO B 137 27.82 -2.49 -4.70
N GLY B 144 26.28 -12.62 -1.65
CA GLY B 144 25.50 -13.75 -2.20
C GLY B 144 25.67 -13.85 -3.70
N GLY B 145 24.81 -14.58 -4.43
CA GLY B 145 24.85 -14.66 -5.90
C GLY B 145 24.07 -13.54 -6.56
N THR B 146 23.49 -12.59 -5.82
CA THR B 146 22.66 -11.49 -6.35
C THR B 146 23.13 -10.13 -5.77
N ALA B 147 23.37 -9.14 -6.64
CA ALA B 147 23.72 -7.77 -6.25
C ALA B 147 22.55 -6.86 -6.61
N ALA B 148 22.47 -5.67 -6.00
CA ALA B 148 21.47 -4.64 -6.32
C ALA B 148 22.29 -3.39 -6.68
N LEU B 149 21.84 -2.62 -7.66
CA LEU B 149 22.51 -1.38 -8.06
C LEU B 149 21.39 -0.43 -8.41
N GLY B 150 21.63 0.84 -8.57
CA GLY B 150 20.52 1.66 -8.94
C GLY B 150 20.89 3.06 -9.33
N CYS B 151 19.93 3.93 -9.34
CA CYS B 151 20.04 5.36 -9.59
C CYS B 151 19.00 6.14 -8.75
N LEU B 152 19.44 7.12 -7.94
CA LEU B 152 18.58 8.05 -7.16
C LEU B 152 18.20 9.23 -8.04
N VAL B 153 16.93 9.52 -8.22
CA VAL B 153 16.42 10.52 -9.16
C VAL B 153 15.80 11.61 -8.30
N LYS B 154 16.56 12.68 -8.05
CA LYS B 154 16.26 13.58 -6.95
C LYS B 154 15.93 14.99 -7.40
N ASP B 155 14.94 15.58 -6.70
CA ASP B 155 14.63 17.02 -6.72
C ASP B 155 14.13 17.49 -8.08
N TYR B 156 13.08 16.85 -8.58
CA TYR B 156 12.48 17.26 -9.83
C TYR B 156 11.06 17.78 -9.61
N PHE B 157 10.56 18.60 -10.56
CA PHE B 157 9.17 19.05 -10.44
C PHE B 157 8.72 19.46 -11.84
N PRO B 158 7.48 19.19 -12.33
CA PRO B 158 6.50 18.26 -11.72
C PRO B 158 6.69 16.80 -12.14
N GLU B 159 5.85 15.92 -11.62
CA GLU B 159 5.81 14.59 -12.16
C GLU B 159 5.45 14.62 -13.66
N PRO B 160 5.79 13.57 -14.40
CA PRO B 160 6.52 12.36 -13.97
C PRO B 160 7.97 12.39 -14.45
N VAL B 161 8.83 11.52 -13.91
CA VAL B 161 10.05 11.10 -14.58
C VAL B 161 9.82 9.69 -15.08
N THR B 162 10.59 9.27 -16.07
CA THR B 162 10.67 7.86 -16.42
C THR B 162 12.13 7.44 -16.31
N VAL B 163 12.34 6.20 -15.87
CA VAL B 163 13.67 5.61 -15.79
C VAL B 163 13.65 4.31 -16.57
N SER B 164 14.65 4.11 -17.42
CA SER B 164 14.93 2.84 -18.09
C SER B 164 16.36 2.43 -17.78
N TRP B 165 16.66 1.16 -18.01
CA TRP B 165 18.01 0.60 -17.76
C TRP B 165 18.56 0.09 -19.08
N ASN B 166 19.77 0.49 -19.45
CA ASN B 166 20.42 0.03 -20.67
C ASN B 166 19.54 0.28 -21.89
N SER B 167 18.94 1.47 -21.89
CA SER B 167 18.12 1.99 -23.00
C SER B 167 16.94 1.09 -23.29
N GLY B 168 16.46 0.42 -22.24
CA GLY B 168 15.31 -0.45 -22.32
C GLY B 168 15.63 -1.92 -22.50
N ALA B 169 16.90 -2.26 -22.64
CA ALA B 169 17.28 -3.65 -22.84
C ALA B 169 17.11 -4.44 -21.55
N LEU B 170 17.19 -3.77 -20.41
CA LEU B 170 17.18 -4.44 -19.11
C LEU B 170 15.88 -4.09 -18.42
N THR B 171 14.98 -5.09 -18.28
CA THR B 171 13.71 -4.87 -17.61
C THR B 171 13.46 -5.84 -16.46
N SER B 172 14.01 -7.04 -16.52
CA SER B 172 13.74 -8.03 -15.48
C SER B 172 14.39 -7.58 -14.18
N GLY B 173 13.65 -7.70 -13.08
CA GLY B 173 14.16 -7.36 -11.78
C GLY B 173 14.22 -5.89 -11.45
N VAL B 174 13.69 -5.01 -12.33
CA VAL B 174 13.68 -3.59 -12.06
C VAL B 174 12.50 -3.24 -11.17
N HIS B 175 12.74 -2.35 -10.20
CA HIS B 175 11.69 -1.73 -9.41
C HIS B 175 11.95 -0.23 -9.41
N THR B 176 11.08 0.51 -10.03
CA THR B 176 11.14 1.98 -9.99
C THR B 176 10.09 2.44 -9.00
N PHE B 177 10.56 2.98 -7.87
CA PHE B 177 9.65 3.26 -6.78
C PHE B 177 8.74 4.45 -7.15
N PRO B 178 7.55 4.48 -6.59
CA PRO B 178 6.74 5.71 -6.66
C PRO B 178 7.46 6.88 -6.00
N CYS B 179 7.27 8.04 -6.57
CA CYS B 179 7.89 9.24 -6.07
C CYS B 179 7.37 9.56 -4.68
N VAL B 180 8.17 10.33 -3.95
CA VAL B 180 7.75 10.97 -2.71
C VAL B 180 7.87 12.46 -2.93
N LEU B 181 6.88 13.19 -2.40
CA LEU B 181 6.96 14.63 -2.32
C LEU B 181 7.79 14.99 -1.08
N GLN B 182 8.93 15.63 -1.29
CA GLN B 182 9.80 16.04 -0.20
C GLN B 182 9.30 17.34 0.43
N SER B 183 9.81 17.65 1.64
CA SER B 183 9.39 18.87 2.33
C SER B 183 9.72 20.11 1.51
N SER B 184 10.74 20.03 0.66
CA SER B 184 11.09 21.12 -0.23
C SER B 184 10.06 21.40 -1.30
N GLY B 185 9.09 20.50 -1.51
CA GLY B 185 8.16 20.67 -2.60
C GLY B 185 8.60 20.05 -3.91
N LEU B 186 9.71 19.33 -3.90
CA LEU B 186 10.21 18.64 -5.08
C LEU B 186 10.08 17.14 -4.85
N TYR B 187 9.99 16.42 -5.97
CA TYR B 187 9.85 14.98 -5.94
C TYR B 187 11.20 14.27 -6.00
N SER B 188 11.21 13.03 -5.51
CA SER B 188 12.34 12.15 -5.66
CA SER B 188 12.35 12.15 -5.62
C SER B 188 11.85 10.71 -5.70
N LEU B 189 12.65 9.87 -6.36
CA LEU B 189 12.46 8.42 -6.33
C LEU B 189 13.80 7.75 -6.62
N SER B 190 13.85 6.44 -6.33
CA SER B 190 14.92 5.59 -6.77
C SER B 190 14.38 4.51 -7.70
N SER B 191 15.26 4.04 -8.57
CA SER B 191 14.98 2.92 -9.46
C SER B 191 16.09 1.93 -9.21
N VAL B 192 15.74 0.70 -8.85
CA VAL B 192 16.76 -0.27 -8.54
C VAL B 192 16.60 -1.48 -9.44
N VAL B 193 17.64 -2.29 -9.49
CA VAL B 193 17.59 -3.54 -10.24
C VAL B 193 18.51 -4.56 -9.57
N THR B 194 18.01 -5.80 -9.52
CA THR B 194 18.81 -6.93 -9.00
C THR B 194 19.43 -7.68 -10.18
N VAL B 195 20.73 -7.97 -10.13
CA VAL B 195 21.50 -8.59 -11.19
C VAL B 195 22.47 -9.59 -10.58
N PRO B 196 22.97 -10.56 -11.37
CA PRO B 196 23.94 -11.51 -10.86
C PRO B 196 25.13 -10.76 -10.31
N SER B 197 25.63 -11.15 -9.14
CA SER B 197 26.82 -10.53 -8.54
C SER B 197 28.04 -10.77 -9.45
N SER B 198 28.06 -11.87 -10.20
CA SER B 198 29.15 -12.22 -11.14
C SER B 198 29.16 -11.23 -12.30
N SER B 199 28.02 -10.63 -12.63
CA SER B 199 27.90 -9.68 -13.76
C SER B 199 28.48 -8.33 -13.40
N LEU B 200 28.85 -8.06 -12.14
CA LEU B 200 29.31 -6.71 -11.77
C LEU B 200 30.64 -6.41 -12.43
N GLY B 201 31.56 -7.35 -12.60
CA GLY B 201 32.85 -7.02 -13.25
C GLY B 201 32.77 -6.99 -14.76
N THR B 202 31.88 -7.74 -15.41
CA THR B 202 31.87 -7.93 -16.86
C THR B 202 30.83 -7.07 -17.58
N GLN B 203 29.75 -6.64 -16.92
CA GLN B 203 28.61 -5.99 -17.65
C GLN B 203 28.42 -4.52 -17.25
N THR B 204 27.91 -3.68 -18.16
CA THR B 204 27.70 -2.23 -17.99
C THR B 204 26.24 -1.99 -17.67
N TYR B 205 25.96 -1.22 -16.62
CA TYR B 205 24.61 -0.87 -16.18
C TYR B 205 24.51 0.64 -16.28
N ILE B 206 23.58 1.18 -17.04
CA ILE B 206 23.31 2.61 -17.19
C ILE B 206 21.84 2.82 -16.94
N CYS B 207 21.50 3.81 -16.11
CA CYS B 207 20.10 4.23 -15.94
C CYS B 207 19.88 5.43 -16.84
N ASN B 208 18.77 5.48 -17.54
CA ASN B 208 18.41 6.50 -18.51
C ASN B 208 17.19 7.22 -17.91
N VAL B 209 17.35 8.47 -17.51
CA VAL B 209 16.30 9.23 -16.84
C VAL B 209 15.77 10.28 -17.80
N ASN B 210 14.46 10.38 -17.91
CA ASN B 210 13.83 11.34 -18.83
C ASN B 210 12.83 12.14 -17.99
N HIS B 211 12.93 13.46 -18.02
CA HIS B 211 11.95 14.33 -17.35
C HIS B 211 11.42 15.29 -18.42
N LYS B 212 10.29 14.95 -19.05
CA LYS B 212 9.83 15.73 -20.20
C LYS B 212 9.53 17.20 -19.89
N PRO B 213 8.90 17.56 -18.76
CA PRO B 213 8.61 18.97 -18.51
C PRO B 213 9.80 19.89 -18.65
N SER B 214 10.99 19.41 -18.30
CA SER B 214 12.20 20.22 -18.36
C SER B 214 13.14 19.86 -19.48
N ASN B 215 12.75 18.95 -20.37
CA ASN B 215 13.61 18.39 -21.41
C ASN B 215 14.91 17.82 -20.85
N THR B 216 14.87 17.30 -19.61
CA THR B 216 16.05 16.69 -19.01
C THR B 216 16.20 15.23 -19.45
N LYS B 217 17.38 14.89 -19.96
CA LYS B 217 17.80 13.53 -20.25
C LYS B 217 19.17 13.30 -19.63
N VAL B 218 19.27 12.29 -18.78
CA VAL B 218 20.50 12.02 -18.07
C VAL B 218 20.74 10.54 -18.15
N ASP B 219 21.92 10.16 -18.60
CA ASP B 219 22.40 8.79 -18.47
C ASP B 219 23.39 8.73 -17.32
N LYS B 220 23.38 7.75 -16.49
CA LYS B 220 24.34 7.59 -15.37
C LYS B 220 24.85 6.15 -15.35
N LYS B 221 26.07 5.89 -15.58
CA LYS B 221 26.75 4.60 -15.46
C LYS B 221 26.81 4.25 -13.98
N VAL B 222 26.34 3.08 -13.60
CA VAL B 222 26.30 2.59 -12.21
C VAL B 222 27.35 1.48 -12.14
N GLU B 223 28.52 1.82 -11.51
CA GLU B 223 29.69 0.92 -11.44
C GLU B 223 30.06 0.69 -9.98
N PRO B 224 30.68 -0.49 -9.65
CA PRO B 224 31.11 -0.73 -8.28
C PRO B 224 32.10 0.33 -7.80
N ALA B 225 32.10 0.64 -6.49
CA ALA B 225 32.96 1.71 -5.92
C ALA B 225 34.43 1.30 -5.97
N GLU C 1 7.96 -10.74 33.15
CA GLU C 1 7.22 -10.33 31.93
C GLU C 1 6.61 -11.57 31.30
N VAL C 2 6.63 -11.68 29.97
CA VAL C 2 5.96 -12.87 29.39
C VAL C 2 6.87 -14.09 29.36
N GLN C 3 6.32 -15.29 29.61
CA GLN C 3 7.12 -16.51 29.41
C GLN C 3 6.40 -17.34 28.36
N LEU C 4 7.11 -17.86 27.35
CA LEU C 4 6.42 -18.70 26.35
C LEU C 4 6.84 -20.15 26.59
N GLN C 5 5.94 -21.11 26.53
CA GLN C 5 6.21 -22.56 26.71
C GLN C 5 5.59 -23.42 25.60
N GLU C 6 6.37 -24.00 24.73
CA GLU C 6 5.98 -24.92 23.68
C GLU C 6 5.83 -26.33 24.24
N SER C 7 4.88 -27.05 23.69
CA SER C 7 4.59 -28.44 24.06
CA SER C 7 4.61 -28.43 24.07
C SER C 7 3.89 -29.11 22.91
N GLY C 8 3.82 -30.45 22.96
CA GLY C 8 3.13 -31.23 21.96
C GLY C 8 4.01 -31.87 20.92
N GLY C 9 5.32 -31.68 21.02
CA GLY C 9 6.23 -32.27 20.07
C GLY C 9 6.45 -33.75 20.30
N GLY C 10 7.53 -34.26 19.74
CA GLY C 10 7.96 -35.63 19.94
C GLY C 10 8.19 -36.38 18.65
N LEU C 11 8.22 -37.71 18.77
CA LEU C 11 8.51 -38.61 17.68
C LEU C 11 7.19 -38.91 16.99
N VAL C 12 7.24 -38.94 15.67
CA VAL C 12 6.02 -39.18 14.86
C VAL C 12 6.47 -39.87 13.58
N GLN C 13 5.64 -40.77 13.06
CA GLN C 13 5.91 -41.46 11.81
C GLN C 13 5.73 -40.50 10.63
N PRO C 14 6.42 -40.71 9.51
CA PRO C 14 6.03 -40.02 8.27
C PRO C 14 4.54 -40.17 7.99
N GLY C 15 3.88 -39.08 7.56
CA GLY C 15 2.43 -39.04 7.28
C GLY C 15 1.59 -38.76 8.51
N GLY C 16 2.17 -38.72 9.69
CA GLY C 16 1.45 -38.58 10.94
C GLY C 16 1.08 -37.15 11.26
N SER C 17 0.46 -36.93 12.41
CA SER C 17 -0.01 -35.62 12.82
C SER C 17 0.38 -35.31 14.27
N LEU C 18 0.72 -34.04 14.52
CA LEU C 18 1.00 -33.55 15.88
C LEU C 18 0.36 -32.17 16.00
N ARG C 19 -0.03 -31.77 17.20
CA ARG C 19 -0.47 -30.40 17.46
C ARG C 19 0.43 -29.76 18.51
N LEU C 20 1.17 -28.74 18.07
CA LEU C 20 2.03 -28.00 19.02
C LEU C 20 1.21 -26.92 19.70
N SER C 21 1.48 -26.68 20.96
CA SER C 21 0.87 -25.60 21.72
C SER C 21 1.96 -24.64 22.16
N CYS C 22 1.60 -23.37 22.23
CA CYS C 22 2.47 -22.29 22.72
C CYS C 22 1.69 -21.48 23.73
N ALA C 23 1.96 -21.75 25.01
CA ALA C 23 1.22 -21.14 26.10
C ALA C 23 2.00 -19.95 26.65
N ALA C 24 1.34 -18.83 26.74
CA ALA C 24 1.96 -17.61 27.25
C ALA C 24 1.50 -17.36 28.67
N SER C 25 2.44 -16.99 29.53
CA SER C 25 2.12 -16.60 30.89
C SER C 25 2.81 -15.30 31.23
N GLY C 26 2.28 -14.59 32.20
CA GLY C 26 2.86 -13.33 32.65
C GLY C 26 2.15 -12.17 32.02
N ARG C 27 1.84 -12.21 30.73
CA ARG C 27 1.18 -11.09 30.05
C ARG C 27 0.18 -11.63 29.04
N THR C 28 -0.95 -10.97 28.88
CA THR C 28 -1.96 -11.30 27.86
C THR C 28 -1.36 -11.06 26.48
N ILE C 29 -1.59 -11.99 25.56
CA ILE C 29 -0.99 -11.93 24.22
C ILE C 29 -2.01 -11.78 23.10
N SER C 30 -3.29 -11.62 23.42
CA SER C 30 -4.32 -11.58 22.37
C SER C 30 -4.17 -10.39 21.42
N ARG C 31 -3.43 -9.36 21.81
CA ARG C 31 -3.20 -8.23 20.95
C ARG C 31 -2.05 -8.45 19.99
N TYR C 32 -1.27 -9.51 20.15
CA TYR C 32 -0.07 -9.66 19.34
C TYR C 32 -0.12 -10.84 18.40
N ALA C 33 0.44 -10.64 17.21
CA ALA C 33 0.76 -11.77 16.36
C ALA C 33 1.71 -12.73 17.08
N MET C 34 1.46 -14.02 16.90
CA MET C 34 2.29 -15.11 17.38
C MET C 34 2.79 -15.95 16.22
N SER C 35 4.08 -16.17 16.19
CA SER C 35 4.71 -16.87 15.10
C SER C 35 5.37 -18.18 15.52
N TRP C 36 5.42 -19.08 14.57
CA TRP C 36 6.15 -20.33 14.70
C TRP C 36 7.34 -20.31 13.78
N PHE C 37 8.47 -20.78 14.31
CA PHE C 37 9.77 -20.92 13.65
C PHE C 37 10.28 -22.33 13.90
N ARG C 38 11.25 -22.75 13.11
CA ARG C 38 11.89 -24.04 13.39
C ARG C 38 13.35 -23.98 12.99
N GLN C 39 14.15 -24.84 13.65
CA GLN C 39 15.58 -24.91 13.39
C GLN C 39 16.06 -26.35 13.57
N ALA C 40 16.59 -26.94 12.50
CA ALA C 40 17.30 -28.20 12.59
C ALA C 40 18.72 -27.98 13.10
N PRO C 41 19.33 -29.00 13.70
CA PRO C 41 20.66 -28.82 14.30
C PRO C 41 21.68 -28.37 13.27
N GLY C 42 22.40 -27.31 13.59
CA GLY C 42 23.38 -26.77 12.67
C GLY C 42 22.82 -26.19 11.39
N LYS C 43 21.54 -25.78 11.36
CA LYS C 43 20.97 -25.12 10.19
C LYS C 43 20.36 -23.78 10.62
N GLU C 44 19.97 -22.98 9.64
CA GLU C 44 19.37 -21.69 9.90
C GLU C 44 17.93 -21.83 10.42
N ARG C 45 17.58 -20.96 11.37
CA ARG C 45 16.22 -20.91 11.88
C ARG C 45 15.31 -20.43 10.76
N GLU C 46 14.16 -21.04 10.60
CA GLU C 46 13.28 -20.60 9.52
C GLU C 46 11.84 -20.39 9.95
N PHE C 47 11.23 -19.45 9.30
CA PHE C 47 9.83 -19.13 9.55
C PHE C 47 8.93 -20.26 9.12
N VAL C 48 7.90 -20.51 9.90
CA VAL C 48 6.91 -21.53 9.61
C VAL C 48 5.51 -20.93 9.37
N ALA C 49 5.00 -20.12 10.31
CA ALA C 49 3.64 -19.59 10.24
C ALA C 49 3.44 -18.48 11.27
N THR C 50 2.49 -17.58 10.98
CA THR C 50 2.06 -16.54 11.91
C THR C 50 0.54 -16.49 11.98
N ALA C 51 0.06 -16.39 13.22
CA ALA C 51 -1.37 -16.12 13.47
C ALA C 51 -1.41 -14.67 13.96
N ARG C 52 -1.90 -13.76 13.13
CA ARG C 52 -2.13 -12.39 13.57
C ARG C 52 -3.33 -12.33 14.54
N ARG C 53 -3.69 -11.10 14.93
CA ARG C 53 -4.82 -10.98 15.84
C ARG C 53 -6.05 -11.61 15.19
N SER C 54 -6.91 -12.19 16.02
CA SER C 54 -8.16 -12.72 15.49
CA SER C 54 -8.20 -12.68 15.53
C SER C 54 -8.82 -11.67 14.58
N GLY C 55 -9.11 -12.09 13.36
CA GLY C 55 -9.69 -11.24 12.35
C GLY C 55 -8.71 -10.75 11.31
N ASP C 56 -7.42 -10.83 11.60
CA ASP C 56 -6.38 -10.36 10.69
C ASP C 56 -5.68 -11.50 9.94
N GLY C 57 -6.02 -12.75 10.23
CA GLY C 57 -5.57 -13.87 9.41
C GLY C 57 -4.23 -14.49 9.77
N ALA C 58 -3.85 -15.46 8.93
CA ALA C 58 -2.65 -16.27 9.12
C ALA C 58 -1.86 -16.33 7.83
N PHE C 59 -0.54 -16.44 7.96
CA PHE C 59 0.34 -16.49 6.81
C PHE C 59 1.36 -17.58 7.03
N TYR C 60 1.84 -18.19 5.94
CA TYR C 60 2.56 -19.46 5.96
C TYR C 60 3.81 -19.42 5.08
N ALA C 61 4.81 -20.18 5.51
CA ALA C 61 5.95 -20.51 4.66
C ALA C 61 5.56 -21.45 3.53
N ASP C 62 6.27 -21.35 2.41
CA ASP C 62 6.00 -22.25 1.29
CA ASP C 62 6.08 -22.26 1.27
C ASP C 62 6.19 -23.71 1.69
N SER C 63 7.11 -24.00 2.59
CA SER C 63 7.42 -25.38 2.93
C SER C 63 6.30 -26.11 3.67
N VAL C 64 5.35 -25.39 4.24
CA VAL C 64 4.32 -25.99 5.09
C VAL C 64 2.92 -25.69 4.61
N GLN C 65 2.79 -24.95 3.51
CA GLN C 65 1.48 -24.55 3.03
C GLN C 65 0.70 -25.81 2.65
N GLY C 66 -0.52 -25.90 3.16
CA GLY C 66 -1.36 -27.02 2.87
C GLY C 66 -1.21 -28.17 3.83
N ARG C 67 -0.32 -28.06 4.81
CA ARG C 67 -0.08 -29.16 5.75
C ARG C 67 -0.17 -28.73 7.21
N PHE C 68 0.29 -27.52 7.50
CA PHE C 68 0.28 -26.99 8.85
C PHE C 68 -0.74 -25.86 8.94
N THR C 69 -1.37 -25.73 10.09
CA THR C 69 -2.37 -24.69 10.30
C THR C 69 -2.17 -24.08 11.69
N VAL C 70 -2.12 -22.75 11.69
CA VAL C 70 -1.96 -22.01 12.97
C VAL C 70 -3.35 -21.57 13.44
N SER C 71 -3.58 -21.60 14.75
CA SER C 71 -4.82 -21.13 15.34
C SER C 71 -4.53 -20.60 16.74
N ARG C 72 -5.51 -19.87 17.28
CA ARG C 72 -5.41 -19.19 18.57
C ARG C 72 -6.53 -19.63 19.50
N ASP C 73 -6.23 -19.75 20.78
CA ASP C 73 -7.24 -19.87 21.86
C ASP C 73 -6.98 -18.66 22.76
N ASP C 74 -7.53 -17.48 22.37
CA ASP C 74 -7.12 -16.28 23.07
C ASP C 74 -7.55 -16.28 24.54
N ALA C 75 -8.68 -16.91 24.87
CA ALA C 75 -9.10 -17.03 26.28
C ALA C 75 -8.11 -17.74 27.21
N LYS C 76 -7.34 -18.64 26.71
CA LYS C 76 -6.31 -19.42 27.46
C LYS C 76 -4.92 -18.88 27.11
N ASN C 77 -4.86 -17.80 26.34
CA ASN C 77 -3.63 -17.04 26.13
C ASN C 77 -2.60 -17.96 25.42
N THR C 78 -3.09 -18.78 24.46
CA THR C 78 -2.35 -19.90 23.84
C THR C 78 -2.61 -19.88 22.34
N VAL C 79 -1.61 -20.31 21.58
CA VAL C 79 -1.77 -20.54 20.14
C VAL C 79 -1.21 -21.90 19.80
N TYR C 80 -1.64 -22.41 18.65
CA TYR C 80 -1.37 -23.77 18.22
C TYR C 80 -0.82 -23.83 16.81
N LEU C 81 -0.09 -24.90 16.53
CA LEU C 81 0.33 -25.28 15.18
C LEU C 81 -0.08 -26.75 14.97
N GLN C 82 -1.15 -26.95 14.22
CA GLN C 82 -1.56 -28.29 13.83
C GLN C 82 -0.73 -28.74 12.64
N MET C 83 -0.04 -29.86 12.80
CA MET C 83 0.91 -30.34 11.77
C MET C 83 0.43 -31.67 11.22
N ASN C 84 -0.12 -31.65 10.02
CA ASN C 84 -0.54 -32.88 9.35
C ASN C 84 0.45 -33.24 8.25
N SER C 85 0.45 -34.51 7.84
CA SER C 85 1.24 -35.00 6.68
C SER C 85 2.74 -34.74 6.89
N LEU C 86 3.16 -35.07 8.10
CA LEU C 86 4.57 -34.80 8.48
C LEU C 86 5.56 -35.56 7.62
N LYS C 87 6.69 -34.94 7.34
CA LYS C 87 7.73 -35.48 6.49
C LYS C 87 9.05 -35.45 7.23
N PRO C 88 10.00 -36.33 6.85
CA PRO C 88 11.34 -36.31 7.52
C PRO C 88 11.95 -34.91 7.59
N GLU C 89 11.77 -34.16 6.54
CA GLU C 89 12.35 -32.81 6.39
C GLU C 89 11.78 -31.85 7.45
N ASP C 90 10.62 -32.20 8.04
CA ASP C 90 10.06 -31.36 9.09
C ASP C 90 10.73 -31.50 10.46
N THR C 91 11.64 -32.45 10.64
CA THR C 91 12.31 -32.65 11.92
C THR C 91 13.10 -31.41 12.31
N ALA C 92 12.92 -30.97 13.53
CA ALA C 92 13.51 -29.71 13.96
C ALA C 92 13.03 -29.39 15.34
N VAL C 93 13.72 -28.45 15.96
CA VAL C 93 13.20 -27.82 17.16
C VAL C 93 12.26 -26.70 16.71
N TYR C 94 11.05 -26.69 17.24
CA TYR C 94 10.01 -25.73 16.88
C TYR C 94 9.86 -24.72 18.00
N TYR C 95 9.87 -23.44 17.63
CA TYR C 95 9.82 -22.32 18.54
C TYR C 95 8.60 -21.43 18.26
N CYS C 96 8.03 -20.91 19.33
CA CYS C 96 7.03 -19.85 19.28
CA CYS C 96 7.06 -19.83 19.19
C CYS C 96 7.65 -18.52 19.70
N ALA C 97 7.17 -17.42 19.09
CA ALA C 97 7.61 -16.07 19.40
C ALA C 97 6.45 -15.10 19.28
N ILE C 98 6.47 -14.09 20.15
CA ILE C 98 5.55 -12.96 20.12
C ILE C 98 6.15 -11.90 19.21
N ASP C 99 5.34 -11.37 18.28
CA ASP C 99 5.67 -10.12 17.59
C ASP C 99 5.21 -8.97 18.49
N SER C 100 6.19 -8.28 19.11
CA SER C 100 5.87 -7.18 20.02
CA SER C 100 5.87 -7.18 20.02
C SER C 100 5.30 -5.97 19.29
N ASP C 101 5.35 -5.93 17.97
CA ASP C 101 4.85 -4.79 17.22
C ASP C 101 3.42 -5.06 16.83
N THR C 102 2.49 -4.26 17.35
CA THR C 102 1.09 -4.52 17.04
C THR C 102 0.76 -4.22 15.58
N PHE C 103 1.61 -3.48 14.87
CA PHE C 103 1.45 -3.28 13.42
C PHE C 103 2.13 -4.37 12.57
N TYR C 104 2.65 -5.42 13.20
CA TYR C 104 3.05 -6.65 12.53
C TYR C 104 4.36 -6.58 11.74
N SER C 105 5.32 -5.76 12.19
CA SER C 105 6.64 -5.65 11.51
C SER C 105 7.59 -6.79 11.91
N GLY C 106 7.20 -7.66 12.84
CA GLY C 106 8.06 -8.79 13.17
C GLY C 106 9.12 -8.46 14.20
N SER C 107 8.74 -7.74 15.27
CA SER C 107 9.71 -7.47 16.34
CA SER C 107 9.70 -7.46 16.34
C SER C 107 9.63 -8.61 17.33
N TYR C 108 10.40 -9.65 17.09
CA TYR C 108 10.34 -10.86 17.92
C TYR C 108 11.29 -10.78 19.11
N ASP C 109 10.76 -10.26 20.20
CA ASP C 109 11.54 -10.04 21.43
C ASP C 109 11.44 -11.22 22.40
N TYR C 110 10.30 -11.88 22.50
CA TYR C 110 10.16 -13.03 23.40
C TYR C 110 9.98 -14.32 22.61
N TRP C 111 10.72 -15.35 23.03
CA TRP C 111 10.80 -16.68 22.41
C TRP C 111 10.60 -17.76 23.47
N GLY C 112 9.91 -18.84 23.10
CA GLY C 112 10.00 -20.06 23.85
C GLY C 112 11.36 -20.73 23.73
N GLN C 113 11.53 -21.78 24.55
CA GLN C 113 12.78 -22.55 24.60
C GLN C 113 12.75 -23.66 23.56
N GLY C 114 11.59 -23.89 22.97
CA GLY C 114 11.48 -24.82 21.88
C GLY C 114 11.02 -26.21 22.32
N THR C 115 10.56 -26.98 21.35
CA THR C 115 10.16 -28.37 21.55
C THR C 115 10.54 -29.18 20.33
N GLN C 116 11.18 -30.33 20.55
CA GLN C 116 11.67 -31.17 19.46
C GLN C 116 10.54 -31.89 18.74
N VAL C 117 10.59 -31.85 17.42
CA VAL C 117 9.75 -32.70 16.58
C VAL C 117 10.65 -33.60 15.75
N THR C 118 10.44 -34.93 15.81
CA THR C 118 11.25 -35.86 15.04
C THR C 118 10.33 -36.73 14.20
N VAL C 119 10.49 -36.68 12.88
CA VAL C 119 9.68 -37.46 11.96
C VAL C 119 10.56 -38.58 11.39
N SER C 120 10.27 -39.84 11.74
CA SER C 120 11.10 -40.92 11.21
C SER C 120 10.48 -42.27 11.53
#